data_5A9D
#
_entry.id   5A9D
#
_cell.length_a   53.480
_cell.length_b   70.330
_cell.length_c   111.220
_cell.angle_alpha   90.00
_cell.angle_beta   90.00
_cell.angle_gamma   90.00
#
_symmetry.space_group_name_H-M   'P 21 21 21'
#
loop_
_entity.id
_entity.type
_entity.pdbx_description
1 polymer 'SOLUTE CARRIER FAMILY 15 MEMBER 1'
2 non-polymer GLYCEROL
3 water water
#
_entity_poly.entity_id   1
_entity_poly.type   'polypeptide(L)'
_entity_poly.pdbx_seq_one_letter_code
;GGNQVQIKVLNIGNNNMTVHFPGNSVTLAQMSQTDTFMTFDIDKLTSINISSSGSPGVTTVAHDFEQGHRHTLLVWNPSQ
YRVVKDGLNQKPEKGENGIRFVNTLNEMVTIKMSGKVYENVTSHNASGYQFFPSGEKQYTINTTAVAPTCLTDFKSSNLD
FGSAYTYVIRRASDGCLEVKEFEDIPPNT
;
_entity_poly.pdbx_strand_id   A,B
#
loop_
_chem_comp.id
_chem_comp.type
_chem_comp.name
_chem_comp.formula
GOL non-polymer GLYCEROL 'C3 H8 O3'
#
# COMPACT_ATOMS: atom_id res chain seq x y z
N GLY A 1 -1.87 -3.59 19.82
CA GLY A 1 -2.03 -2.32 19.13
C GLY A 1 -2.02 -2.44 17.61
N GLY A 2 -2.97 -1.79 16.90
CA GLY A 2 -4.03 -0.93 17.45
C GLY A 2 -3.53 0.50 17.54
N ASN A 3 -2.67 0.74 18.55
CA ASN A 3 -2.02 2.01 18.85
C ASN A 3 -0.47 1.88 18.63
N GLN A 4 0.03 0.64 18.36
CA GLN A 4 1.47 0.43 18.20
C GLN A 4 1.95 0.48 16.73
N VAL A 5 3.09 1.09 16.54
CA VAL A 5 3.74 1.28 15.25
C VAL A 5 4.97 0.36 15.23
N GLN A 6 5.10 -0.48 14.19
CA GLN A 6 6.27 -1.36 14.09
C GLN A 6 7.17 -0.81 12.99
N ILE A 7 8.46 -0.66 13.30
CA ILE A 7 9.45 -0.11 12.37
C ILE A 7 10.71 -0.99 12.33
N LYS A 8 11.12 -1.33 11.13
CA LYS A 8 12.36 -2.06 10.82
C LYS A 8 13.20 -1.05 10.05
N VAL A 9 14.50 -1.02 10.30
CA VAL A 9 15.38 -0.09 9.57
C VAL A 9 16.23 -0.89 8.61
N LEU A 10 16.34 -0.45 7.35
CA LEU A 10 17.19 -1.09 6.36
C LEU A 10 18.08 -0.01 5.77
N ASN A 11 19.37 -0.15 6.02
CA ASN A 11 20.41 0.74 5.53
C ASN A 11 20.85 0.25 4.16
N ILE A 12 20.47 1.01 3.11
CA ILE A 12 20.77 0.70 1.71
C ILE A 12 21.84 1.65 1.13
N GLY A 13 22.52 2.40 1.99
CA GLY A 13 23.61 3.30 1.59
C GLY A 13 24.95 2.61 1.65
N ASN A 14 26.05 3.36 1.58
CA ASN A 14 27.42 2.80 1.59
C ASN A 14 28.22 3.08 2.90
N ASN A 15 27.53 3.49 3.97
CA ASN A 15 28.22 3.78 5.24
C ASN A 15 27.33 3.43 6.45
N ASN A 16 27.89 3.59 7.66
CA ASN A 16 27.16 3.39 8.91
C ASN A 16 26.15 4.51 9.08
N MET A 17 24.91 4.16 9.47
CA MET A 17 23.88 5.16 9.71
C MET A 17 23.21 4.87 11.00
N THR A 18 22.73 5.91 11.66
CA THR A 18 22.05 5.82 12.93
C THR A 18 20.63 6.41 12.85
N VAL A 19 19.67 5.70 13.43
CA VAL A 19 18.30 6.17 13.57
C VAL A 19 18.07 6.32 15.06
N HIS A 20 17.75 7.54 15.48
CA HIS A 20 17.51 7.89 16.87
C HIS A 20 16.02 7.92 17.10
N PHE A 21 15.53 6.93 17.83
CA PHE A 21 14.14 6.82 18.19
C PHE A 21 14.07 7.33 19.62
N PRO A 22 12.91 7.74 20.16
CA PRO A 22 12.91 8.20 21.56
C PRO A 22 13.30 7.07 22.53
N GLY A 23 14.36 7.33 23.28
CA GLY A 23 14.93 6.39 24.24
C GLY A 23 15.86 5.31 23.69
N ASN A 24 15.98 5.18 22.33
CA ASN A 24 16.84 4.14 21.77
C ASN A 24 17.39 4.50 20.36
N SER A 25 18.71 4.35 20.19
CA SER A 25 19.41 4.59 18.93
C SER A 25 19.93 3.29 18.34
N VAL A 26 19.77 3.14 17.04
CA VAL A 26 20.20 1.95 16.32
C VAL A 26 21.18 2.37 15.24
N THR A 27 22.40 1.83 15.30
CA THR A 27 23.42 2.08 14.27
C THR A 27 23.54 0.81 13.42
N LEU A 28 23.40 0.96 12.11
CA LEU A 28 23.49 -0.15 11.16
C LEU A 28 24.64 0.05 10.21
N ALA A 29 25.34 -1.05 9.91
CA ALA A 29 26.33 -1.02 8.85
C ALA A 29 25.58 -0.91 7.48
N GLN A 30 26.30 -0.55 6.44
CA GLN A 30 25.77 -0.48 5.07
C GLN A 30 25.23 -1.87 4.67
N MET A 31 24.18 -1.88 3.86
CA MET A 31 23.57 -3.13 3.36
C MET A 31 23.17 -4.07 4.49
N SER A 32 22.52 -3.54 5.53
CA SER A 32 22.07 -4.32 6.67
C SER A 32 20.76 -3.78 7.20
N GLN A 33 20.02 -4.62 7.92
CA GLN A 33 18.76 -4.23 8.51
C GLN A 33 18.67 -4.65 9.98
N THR A 34 17.69 -4.10 10.71
CA THR A 34 17.46 -4.54 12.09
C THR A 34 16.81 -5.93 11.96
N ASP A 35 17.19 -6.88 12.80
CA ASP A 35 16.66 -8.25 12.72
C ASP A 35 15.18 -8.34 13.06
N THR A 36 14.64 -7.34 13.78
CA THR A 36 13.24 -7.32 14.19
C THR A 36 12.62 -5.97 13.84
N PHE A 37 11.30 -5.92 13.97
CA PHE A 37 10.54 -4.70 13.88
C PHE A 37 10.57 -4.19 15.32
N MET A 38 10.96 -2.94 15.52
CA MET A 38 10.90 -2.33 16.85
C MET A 38 9.48 -1.78 16.99
N THR A 39 8.89 -1.87 18.19
CA THR A 39 7.52 -1.45 18.48
C THR A 39 7.48 -0.17 19.31
N PHE A 40 6.58 0.77 18.97
CA PHE A 40 6.42 2.05 19.69
C PHE A 40 4.98 2.42 19.83
N ASP A 41 4.64 3.20 20.87
CA ASP A 41 3.30 3.78 21.02
C ASP A 41 3.39 5.06 20.18
N ILE A 42 2.42 5.25 19.26
CA ILE A 42 2.35 6.37 18.32
C ILE A 42 2.56 7.74 19.01
N ASP A 43 1.94 7.95 20.20
CA ASP A 43 2.02 9.19 20.98
C ASP A 43 3.42 9.45 21.52
N LYS A 44 4.22 8.37 21.71
CA LYS A 44 5.59 8.40 22.23
C LYS A 44 6.62 8.51 21.12
N LEU A 45 6.18 8.43 19.85
CA LEU A 45 7.04 8.55 18.68
C LEU A 45 7.03 10.02 18.29
N THR A 46 7.58 10.85 19.19
CA THR A 46 7.65 12.32 19.16
C THR A 46 8.42 12.83 17.94
N SER A 47 9.62 12.26 17.70
CA SER A 47 10.48 12.59 16.56
C SER A 47 11.45 11.44 16.30
N ILE A 48 11.95 11.36 15.07
CA ILE A 48 12.92 10.35 14.66
C ILE A 48 13.99 11.10 13.88
N ASN A 49 15.25 11.00 14.33
CA ASN A 49 16.39 11.66 13.69
C ASN A 49 17.27 10.60 13.07
N ILE A 50 17.86 10.92 11.93
CA ILE A 50 18.74 10.03 11.18
C ILE A 50 20.03 10.77 10.92
N SER A 51 21.15 10.10 11.18
CA SER A 51 22.47 10.64 10.96
C SER A 51 23.39 9.62 10.27
N SER A 52 24.52 10.12 9.73
CA SER A 52 25.54 9.32 9.06
C SER A 52 26.87 9.56 9.74
N SER A 53 27.71 8.52 9.76
CA SER A 53 29.07 8.59 10.30
C SER A 53 29.88 9.64 9.49
N GLY A 54 30.62 10.49 10.20
CA GLY A 54 31.42 11.56 9.62
C GLY A 54 30.62 12.80 9.22
N SER A 55 29.54 12.59 8.44
CA SER A 55 28.63 13.64 7.94
C SER A 55 27.85 14.30 9.09
N PRO A 56 28.06 15.63 9.36
CA PRO A 56 27.35 16.28 10.49
C PRO A 56 25.84 16.43 10.32
N GLY A 57 25.35 16.24 9.10
CA GLY A 57 23.94 16.34 8.75
C GLY A 57 23.06 15.35 9.50
N VAL A 58 22.05 15.90 10.20
CA VAL A 58 21.05 15.18 10.97
C VAL A 58 19.69 15.55 10.37
N THR A 59 18.95 14.54 9.91
CA THR A 59 17.64 14.70 9.26
C THR A 59 16.53 14.19 10.16
N THR A 60 15.45 14.97 10.29
CA THR A 60 14.26 14.61 11.07
C THR A 60 13.24 13.97 10.12
N VAL A 61 12.61 12.87 10.54
CA VAL A 61 11.63 12.10 9.77
C VAL A 61 10.23 12.70 9.80
N ALA A 62 9.59 12.83 8.62
CA ALA A 62 8.22 13.32 8.43
C ALA A 62 7.30 12.25 8.97
N HIS A 63 6.53 12.55 10.03
CA HIS A 63 5.67 11.60 10.75
C HIS A 63 4.56 10.97 9.90
N ASP A 64 4.99 10.01 9.10
CA ASP A 64 4.14 9.23 8.25
C ASP A 64 4.20 7.77 8.72
N PHE A 65 3.72 7.55 9.98
CA PHE A 65 3.61 6.20 10.54
C PHE A 65 2.18 5.96 10.96
N GLU A 66 1.60 4.86 10.53
CA GLU A 66 0.24 4.50 10.89
C GLU A 66 0.21 3.51 12.03
N GLN A 67 -0.64 3.76 13.02
CA GLN A 67 -0.75 2.80 14.12
C GLN A 67 -1.42 1.50 13.63
N GLY A 68 -0.98 0.39 14.20
CA GLY A 68 -1.45 -0.94 13.83
C GLY A 68 -0.74 -1.48 12.60
N HIS A 69 0.27 -0.73 12.08
CA HIS A 69 1.01 -1.11 10.88
C HIS A 69 2.50 -1.26 11.08
N ARG A 70 3.11 -2.08 10.23
CA ARG A 70 4.56 -2.27 10.14
C ARG A 70 5.07 -1.36 9.04
N HIS A 71 6.33 -0.98 9.16
CA HIS A 71 6.97 -0.10 8.21
C HIS A 71 8.42 -0.49 8.07
N THR A 72 9.00 -0.24 6.89
CA THR A 72 10.43 -0.37 6.70
C THR A 72 10.93 1.04 6.47
N LEU A 73 11.80 1.51 7.37
CA LEU A 73 12.45 2.79 7.23
C LEU A 73 13.73 2.54 6.41
N LEU A 74 13.70 2.92 5.12
CA LEU A 74 14.87 2.79 4.26
C LEU A 74 15.73 4.00 4.56
N VAL A 75 17.05 3.80 4.81
CA VAL A 75 18.00 4.90 5.06
C VAL A 75 19.21 4.75 4.13
N TRP A 76 19.77 5.87 3.66
CA TRP A 76 20.95 5.89 2.79
C TRP A 76 21.70 7.22 2.93
N ASN A 77 22.95 7.25 2.54
CA ASN A 77 23.81 8.43 2.63
C ASN A 77 23.47 9.49 1.56
N PRO A 78 23.46 10.82 1.87
CA PRO A 78 23.74 11.51 3.14
C PRO A 78 22.46 11.86 3.95
N SER A 79 22.12 11.03 4.94
CA SER A 79 20.94 11.18 5.81
C SER A 79 19.60 11.26 5.04
N GLN A 80 19.44 10.35 4.06
CA GLN A 80 18.21 10.22 3.25
C GLN A 80 17.37 9.08 3.82
N TYR A 81 16.07 9.14 3.62
CA TYR A 81 15.18 8.09 4.09
C TYR A 81 13.92 8.01 3.22
N ARG A 82 13.21 6.89 3.36
CA ARG A 82 11.90 6.65 2.79
C ARG A 82 11.19 5.66 3.71
N VAL A 83 9.94 5.98 4.08
CA VAL A 83 9.11 5.10 4.90
C VAL A 83 8.32 4.25 3.92
N VAL A 84 8.46 2.93 4.01
CA VAL A 84 7.78 1.94 3.18
C VAL A 84 6.75 1.24 4.07
N LYS A 85 5.53 1.14 3.59
CA LYS A 85 4.42 0.47 4.28
C LYS A 85 4.55 -1.05 4.15
N ASP A 86 4.54 -1.77 5.28
CA ASP A 86 4.72 -3.21 5.29
C ASP A 86 3.47 -4.01 5.73
N GLY A 87 2.34 -3.34 5.80
CA GLY A 87 1.10 -4.01 6.18
C GLY A 87 0.81 -4.03 7.67
N LEU A 88 -0.13 -4.87 8.06
CA LEU A 88 -0.61 -4.94 9.43
C LEU A 88 0.34 -5.56 10.42
N ASN A 89 0.29 -5.10 11.68
CA ASN A 89 1.08 -5.64 12.79
C ASN A 89 0.68 -7.06 13.11
N GLN A 90 -0.63 -7.38 12.98
CA GLN A 90 -1.18 -8.71 13.29
C GLN A 90 -1.87 -9.31 12.08
N LYS A 91 -1.72 -10.61 11.92
CA LYS A 91 -2.39 -11.35 10.86
C LYS A 91 -3.87 -11.45 11.24
N PRO A 92 -4.80 -11.05 10.33
CA PRO A 92 -6.23 -11.15 10.68
C PRO A 92 -6.63 -12.61 10.92
N GLU A 93 -7.33 -12.83 12.04
CA GLU A 93 -7.84 -14.16 12.39
C GLU A 93 -8.91 -14.61 11.40
N LYS A 94 -9.09 -15.92 11.28
CA LYS A 94 -10.08 -16.54 10.39
C LYS A 94 -11.45 -16.07 10.85
N GLY A 95 -12.21 -15.51 9.90
CA GLY A 95 -13.55 -14.99 10.16
C GLY A 95 -13.67 -13.51 10.43
N GLU A 96 -12.54 -12.81 10.65
CA GLU A 96 -12.57 -11.36 10.86
C GLU A 96 -12.94 -10.61 9.58
N ASN A 97 -13.54 -9.44 9.74
CA ASN A 97 -14.02 -8.63 8.66
C ASN A 97 -13.09 -7.46 8.45
N GLY A 98 -12.66 -7.26 7.22
CA GLY A 98 -11.82 -6.14 6.84
C GLY A 98 -12.68 -4.93 6.59
N ILE A 99 -12.37 -3.81 7.22
CA ILE A 99 -13.12 -2.58 7.01
C ILE A 99 -12.16 -1.45 6.66
N ARG A 100 -12.48 -0.70 5.60
CA ARG A 100 -11.71 0.48 5.24
C ARG A 100 -12.72 1.64 5.09
N PHE A 101 -12.23 2.86 5.25
CA PHE A 101 -13.08 4.03 5.16
C PHE A 101 -12.64 4.89 3.99
N VAL A 102 -13.62 5.49 3.31
CA VAL A 102 -13.37 6.39 2.20
C VAL A 102 -13.91 7.74 2.66
N ASN A 103 -13.07 8.77 2.57
CA ASN A 103 -13.47 10.12 2.95
C ASN A 103 -13.85 10.91 1.72
N THR A 104 -15.09 11.43 1.64
CA THR A 104 -15.47 12.28 0.49
C THR A 104 -15.51 13.76 0.90
N LEU A 105 -15.19 14.07 2.17
CA LEU A 105 -15.23 15.44 2.67
C LEU A 105 -13.98 16.20 2.25
N ASN A 106 -14.02 17.55 2.36
CA ASN A 106 -12.94 18.45 1.97
C ASN A 106 -11.87 18.64 3.07
N GLU A 107 -12.10 18.01 4.23
CA GLU A 107 -11.21 18.00 5.39
C GLU A 107 -10.91 16.55 5.73
N MET A 108 -9.80 16.31 6.42
CA MET A 108 -9.38 14.99 6.88
C MET A 108 -10.38 14.46 7.91
N VAL A 109 -10.46 13.13 8.04
CA VAL A 109 -11.35 12.49 9.00
C VAL A 109 -10.56 11.46 9.80
N THR A 110 -10.96 11.27 11.06
CA THR A 110 -10.37 10.26 11.91
C THR A 110 -11.49 9.35 12.36
N ILE A 111 -11.26 8.05 12.25
CA ILE A 111 -12.24 7.04 12.62
C ILE A 111 -11.65 6.22 13.71
N LYS A 112 -12.44 5.98 14.78
CA LYS A 112 -12.01 5.14 15.88
C LYS A 112 -13.06 4.04 15.98
N MET A 113 -12.63 2.78 15.89
CA MET A 113 -13.55 1.63 15.95
C MET A 113 -12.90 0.50 16.73
N SER A 114 -13.59 0.02 17.78
CA SER A 114 -13.19 -1.10 18.63
C SER A 114 -11.69 -1.10 18.94
N GLY A 115 -11.17 0.02 19.43
CA GLY A 115 -9.75 0.18 19.79
C GLY A 115 -8.79 0.39 18.62
N LYS A 116 -9.29 0.35 17.37
CA LYS A 116 -8.47 0.62 16.18
C LYS A 116 -8.71 2.04 15.67
N VAL A 117 -7.73 2.64 15.01
CA VAL A 117 -7.79 4.02 14.53
C VAL A 117 -7.41 4.07 13.07
N TYR A 118 -8.10 4.93 12.33
CA TYR A 118 -7.84 5.27 10.95
C TYR A 118 -7.69 6.78 11.05
N GLU A 119 -6.44 7.22 11.18
CA GLU A 119 -6.12 8.61 11.40
C GLU A 119 -5.93 9.41 10.15
N ASN A 120 -6.55 10.61 10.11
CA ASN A 120 -6.41 11.60 9.04
C ASN A 120 -6.54 11.04 7.64
N VAL A 121 -7.66 10.37 7.37
CA VAL A 121 -7.94 9.86 6.03
C VAL A 121 -8.18 11.12 5.19
N THR A 122 -7.34 11.33 4.18
CA THR A 122 -7.40 12.53 3.35
C THR A 122 -8.65 12.53 2.41
N SER A 123 -8.97 13.72 1.86
N SER A 123 -8.97 13.72 1.87
CA SER A 123 -10.10 13.97 0.99
CA SER A 123 -10.09 13.99 0.98
C SER A 123 -10.06 13.08 -0.24
C SER A 123 -10.05 13.08 -0.24
N HIS A 124 -11.20 12.44 -0.55
CA HIS A 124 -11.40 11.53 -1.69
C HIS A 124 -10.32 10.46 -1.74
N ASN A 125 -10.08 9.88 -0.57
CA ASN A 125 -9.09 8.85 -0.40
C ASN A 125 -9.62 7.71 0.49
N ALA A 126 -8.96 6.55 0.39
CA ALA A 126 -9.33 5.39 1.16
C ALA A 126 -8.24 5.07 2.15
N SER A 127 -8.63 4.56 3.32
CA SER A 127 -7.68 4.06 4.30
C SER A 127 -7.38 2.62 3.86
N GLY A 128 -6.43 1.98 4.54
CA GLY A 128 -6.21 0.56 4.34
C GLY A 128 -7.27 -0.16 5.16
N TYR A 129 -7.39 -1.48 5.00
CA TYR A 129 -8.35 -2.23 5.80
C TYR A 129 -7.70 -2.55 7.17
N GLN A 130 -8.54 -2.66 8.20
CA GLN A 130 -8.22 -3.16 9.53
C GLN A 130 -9.32 -4.19 9.83
N PHE A 131 -9.02 -5.20 10.63
CA PHE A 131 -9.88 -6.37 10.83
C PHE A 131 -10.48 -6.46 12.23
N PHE A 132 -11.74 -6.90 12.27
CA PHE A 132 -12.58 -6.93 13.47
C PHE A 132 -13.35 -8.22 13.57
N PRO A 133 -13.64 -8.70 14.81
CA PRO A 133 -14.51 -9.88 14.94
C PRO A 133 -15.93 -9.54 14.45
N SER A 134 -16.73 -10.57 14.10
CA SER A 134 -18.10 -10.35 13.59
C SER A 134 -19.04 -9.61 14.56
N GLY A 135 -20.11 -9.06 13.99
CA GLY A 135 -21.14 -8.39 14.76
C GLY A 135 -21.14 -6.89 14.59
N GLU A 136 -22.24 -6.24 15.00
CA GLU A 136 -22.39 -4.77 14.93
C GLU A 136 -21.25 -4.12 15.77
N LYS A 137 -20.55 -3.15 15.21
CA LYS A 137 -19.45 -2.46 15.90
C LYS A 137 -19.81 -0.99 15.99
N GLN A 138 -19.56 -0.39 17.16
CA GLN A 138 -19.76 1.04 17.34
C GLN A 138 -18.50 1.75 16.84
N TYR A 139 -18.63 2.93 16.26
CA TYR A 139 -17.46 3.71 15.83
C TYR A 139 -17.74 5.20 15.85
N THR A 140 -16.66 5.99 15.88
CA THR A 140 -16.82 7.43 15.89
C THR A 140 -16.12 8.03 14.74
N ILE A 141 -16.61 9.17 14.30
CA ILE A 141 -15.98 9.92 13.22
C ILE A 141 -15.82 11.35 13.72
N ASN A 142 -14.59 11.85 13.71
CA ASN A 142 -14.29 13.22 14.12
C ASN A 142 -13.60 13.95 12.98
N THR A 143 -14.11 15.13 12.67
CA THR A 143 -13.66 16.00 11.57
C THR A 143 -14.06 17.45 11.84
N THR A 144 -13.30 18.40 11.24
CA THR A 144 -13.58 19.84 11.31
C THR A 144 -14.56 20.24 10.17
N ALA A 145 -14.84 19.31 9.24
CA ALA A 145 -15.73 19.51 8.08
C ALA A 145 -17.19 19.78 8.44
N VAL A 146 -17.63 19.33 9.64
CA VAL A 146 -19.01 19.51 10.10
C VAL A 146 -19.08 20.30 11.42
N ALA A 147 -20.29 20.79 11.79
CA ALA A 147 -20.52 21.50 13.05
C ALA A 147 -20.21 20.60 14.27
N PRO A 148 -19.66 21.15 15.39
CA PRO A 148 -19.34 20.29 16.56
C PRO A 148 -20.57 19.64 17.20
N THR A 149 -21.75 20.22 16.95
CA THR A 149 -23.05 19.77 17.44
C THR A 149 -23.55 18.50 16.72
N CYS A 150 -23.00 18.20 15.51
N CYS A 150 -23.07 18.23 15.50
CA CYS A 150 -23.34 17.04 14.68
CA CYS A 150 -23.51 17.07 14.73
C CYS A 150 -23.00 15.72 15.38
C CYS A 150 -23.02 15.75 15.32
N LEU A 151 -23.82 14.69 15.13
CA LEU A 151 -23.64 13.33 15.64
C LEU A 151 -22.30 12.69 15.15
N THR A 152 -21.48 12.21 16.10
CA THR A 152 -20.18 11.60 15.79
C THR A 152 -20.15 10.08 16.06
N ASP A 153 -21.25 9.54 16.58
CA ASP A 153 -21.35 8.11 16.92
C ASP A 153 -22.12 7.35 15.88
N PHE A 154 -21.56 6.23 15.43
CA PHE A 154 -22.16 5.43 14.37
C PHE A 154 -22.07 3.97 14.73
N LYS A 155 -22.77 3.14 13.98
CA LYS A 155 -22.78 1.70 14.18
C LYS A 155 -22.65 1.02 12.83
N SER A 156 -21.79 -0.01 12.76
CA SER A 156 -21.63 -0.79 11.55
C SER A 156 -22.83 -1.73 11.48
N SER A 157 -23.08 -2.33 10.30
CA SER A 157 -24.15 -3.31 10.22
C SER A 157 -23.66 -4.63 10.87
N ASN A 158 -24.51 -5.67 10.87
CA ASN A 158 -24.14 -6.96 11.41
C ASN A 158 -23.16 -7.67 10.48
N LEU A 159 -21.88 -7.36 10.69
CA LEU A 159 -20.69 -7.88 10.01
C LEU A 159 -20.78 -9.41 9.88
N ASP A 160 -20.82 -9.92 8.64
CA ASP A 160 -20.85 -11.37 8.39
C ASP A 160 -19.51 -12.03 8.82
N PHE A 161 -19.12 -13.16 8.23
CA PHE A 161 -17.90 -13.89 8.57
C PHE A 161 -16.94 -13.81 7.40
N GLY A 162 -15.72 -13.32 7.66
CA GLY A 162 -14.66 -13.20 6.68
C GLY A 162 -14.90 -12.20 5.57
N SER A 163 -15.80 -11.24 5.76
CA SER A 163 -16.13 -10.28 4.71
C SER A 163 -15.18 -9.06 4.66
N ALA A 164 -15.42 -8.18 3.71
CA ALA A 164 -14.66 -6.94 3.58
C ALA A 164 -15.62 -5.88 3.15
N TYR A 165 -15.53 -4.69 3.77
CA TYR A 165 -16.44 -3.58 3.51
C TYR A 165 -15.69 -2.28 3.38
N THR A 166 -16.27 -1.36 2.60
CA THR A 166 -15.79 0.00 2.40
C THR A 166 -16.92 0.88 2.91
N TYR A 167 -16.60 1.70 3.88
CA TYR A 167 -17.56 2.64 4.46
C TYR A 167 -17.25 4.01 3.90
N VAL A 168 -18.17 4.56 3.09
CA VAL A 168 -17.97 5.86 2.43
C VAL A 168 -18.59 6.95 3.30
N ILE A 169 -17.78 7.90 3.74
CA ILE A 169 -18.21 9.00 4.59
C ILE A 169 -18.56 10.18 3.71
N ARG A 170 -19.79 10.73 3.84
CA ARG A 170 -20.21 11.90 3.06
C ARG A 170 -21.04 12.85 3.89
N ARG A 171 -21.37 14.02 3.30
CA ARG A 171 -22.26 15.00 3.93
C ARG A 171 -23.67 14.50 3.78
N ALA A 172 -24.45 14.49 4.87
CA ALA A 172 -25.89 14.16 4.85
C ALA A 172 -26.66 15.40 4.41
N SER A 173 -27.93 15.25 3.98
CA SER A 173 -28.76 16.38 3.54
C SER A 173 -28.88 17.51 4.60
N ASP A 174 -28.85 17.15 5.91
CA ASP A 174 -28.94 18.11 7.02
C ASP A 174 -27.62 18.81 7.35
N GLY A 175 -26.58 18.58 6.55
CA GLY A 175 -25.26 19.19 6.75
C GLY A 175 -24.30 18.44 7.66
N CYS A 176 -24.77 17.35 8.30
N CYS A 176 -24.80 17.36 8.31
CA CYS A 176 -23.95 16.55 9.18
CA CYS A 176 -24.05 16.50 9.23
C CYS A 176 -23.34 15.34 8.45
C CYS A 176 -23.39 15.33 8.46
N LEU A 177 -22.92 14.29 9.16
CA LEU A 177 -22.29 13.11 8.58
C LEU A 177 -23.21 11.96 8.36
N GLU A 178 -22.91 11.18 7.34
CA GLU A 178 -23.65 10.00 6.92
C GLU A 178 -22.60 9.01 6.38
N VAL A 179 -22.84 7.71 6.56
CA VAL A 179 -21.97 6.66 6.09
C VAL A 179 -22.73 5.65 5.21
N LYS A 180 -22.22 5.39 3.99
CA LYS A 180 -22.79 4.37 3.11
C LYS A 180 -21.86 3.17 3.09
N GLU A 181 -22.40 1.98 3.33
CA GLU A 181 -21.60 0.75 3.38
C GLU A 181 -21.62 -0.01 2.05
N PHE A 182 -20.48 -0.50 1.63
CA PHE A 182 -20.37 -1.28 0.40
C PHE A 182 -19.65 -2.56 0.73
N GLU A 183 -20.13 -3.68 0.23
CA GLU A 183 -19.39 -4.91 0.48
C GLU A 183 -18.35 -5.04 -0.62
N ASP A 184 -17.15 -5.43 -0.27
CA ASP A 184 -16.14 -5.68 -1.27
C ASP A 184 -15.85 -7.17 -1.22
N ILE A 185 -15.22 -7.71 -2.28
N ILE A 185 -15.24 -7.72 -2.28
CA ILE A 185 -14.74 -9.09 -2.28
CA ILE A 185 -14.80 -9.12 -2.21
C ILE A 185 -13.54 -9.09 -1.27
C ILE A 185 -13.56 -9.10 -1.26
N PRO A 186 -13.42 -10.06 -0.32
CA PRO A 186 -12.32 -9.96 0.69
C PRO A 186 -10.91 -9.76 0.16
N PRO A 187 -10.08 -8.86 0.77
CA PRO A 187 -8.72 -8.65 0.26
C PRO A 187 -7.84 -9.89 0.48
N ASN A 188 -6.93 -10.13 -0.46
CA ASN A 188 -5.95 -11.20 -0.39
C ASN A 188 -4.66 -10.64 0.19
N THR A 189 -4.29 -9.38 -0.22
CA THR A 189 -3.11 -8.58 0.14
C THR A 189 -1.80 -9.35 0.03
N GLY B 1 -2.67 -14.84 -13.31
CA GLY B 1 -1.94 -13.60 -13.52
C GLY B 1 -1.79 -12.76 -12.26
N GLY B 2 -0.57 -12.30 -11.95
CA GLY B 2 0.65 -12.46 -12.73
C GLY B 2 0.82 -11.30 -13.68
N ASN B 3 0.21 -11.40 -14.85
CA ASN B 3 0.19 -10.34 -15.85
C ASN B 3 -1.24 -9.79 -15.96
N GLN B 4 -2.06 -10.07 -14.92
CA GLN B 4 -3.46 -9.64 -14.83
C GLN B 4 -3.69 -8.50 -13.81
N VAL B 5 -4.60 -7.60 -14.13
CA VAL B 5 -5.00 -6.44 -13.32
C VAL B 5 -6.51 -6.55 -12.98
N GLN B 6 -6.83 -6.50 -11.68
CA GLN B 6 -8.23 -6.53 -11.25
C GLN B 6 -8.63 -5.12 -10.85
N ILE B 7 -9.76 -4.63 -11.39
CA ILE B 7 -10.26 -3.28 -11.15
C ILE B 7 -11.77 -3.30 -10.81
N LYS B 8 -12.13 -2.67 -9.73
CA LYS B 8 -13.50 -2.42 -9.33
C LYS B 8 -13.66 -0.88 -9.42
N VAL B 9 -14.85 -0.39 -9.76
CA VAL B 9 -15.09 1.06 -9.81
C VAL B 9 -16.06 1.44 -8.71
N LEU B 10 -15.79 2.52 -7.98
CA LEU B 10 -16.68 3.01 -6.94
C LEU B 10 -16.87 4.52 -7.19
N ASN B 11 -18.12 4.88 -7.49
CA ASN B 11 -18.52 6.25 -7.70
C ASN B 11 -18.88 6.90 -6.35
N ILE B 12 -18.00 7.81 -5.87
CA ILE B 12 -18.16 8.51 -4.59
C ILE B 12 -18.57 9.99 -4.75
N GLY B 13 -18.96 10.39 -5.95
CA GLY B 13 -19.41 11.73 -6.25
C GLY B 13 -20.92 11.85 -6.14
N ASN B 14 -21.47 12.94 -6.70
CA ASN B 14 -22.92 13.23 -6.62
C ASN B 14 -23.66 13.11 -7.95
N ASN B 15 -23.06 12.44 -8.95
CA ASN B 15 -23.75 12.27 -10.24
C ASN B 15 -23.35 10.96 -10.92
N ASN B 16 -23.97 10.68 -12.08
CA ASN B 16 -23.70 9.50 -12.90
C ASN B 16 -22.38 9.67 -13.57
N MET B 17 -21.54 8.61 -13.55
CA MET B 17 -20.23 8.60 -14.20
C MET B 17 -20.08 7.37 -15.08
N THR B 18 -19.33 7.50 -16.14
CA THR B 18 -19.00 6.39 -17.05
C THR B 18 -17.48 6.17 -17.09
N VAL B 19 -17.08 4.90 -17.05
CA VAL B 19 -15.70 4.46 -17.15
C VAL B 19 -15.63 3.54 -18.35
N HIS B 20 -14.90 3.96 -19.37
N HIS B 20 -14.92 3.96 -19.39
CA HIS B 20 -14.71 3.20 -20.60
CA HIS B 20 -14.75 3.17 -20.60
C HIS B 20 -13.41 2.43 -20.55
C HIS B 20 -13.42 2.42 -20.51
N PHE B 21 -13.49 1.10 -20.48
CA PHE B 21 -12.35 0.17 -20.48
C PHE B 21 -12.28 -0.36 -21.91
N PRO B 22 -11.15 -0.94 -22.39
CA PRO B 22 -11.15 -1.46 -23.77
C PRO B 22 -12.19 -2.58 -23.93
N GLY B 23 -13.14 -2.34 -24.84
CA GLY B 23 -14.22 -3.28 -25.14
C GLY B 23 -15.44 -3.24 -24.23
N ASN B 24 -15.38 -2.50 -23.07
CA ASN B 24 -16.52 -2.47 -22.17
C ASN B 24 -16.60 -1.17 -21.32
N SER B 25 -17.82 -0.57 -21.28
CA SER B 25 -18.11 0.66 -20.55
C SER B 25 -19.00 0.39 -19.34
N VAL B 26 -18.69 1.06 -18.25
CA VAL B 26 -19.45 0.93 -17.02
C VAL B 26 -20.01 2.29 -16.62
N THR B 27 -21.33 2.41 -16.48
CA THR B 27 -21.98 3.62 -16.00
C THR B 27 -22.48 3.35 -14.60
N LEU B 28 -22.09 4.21 -13.66
CA LEU B 28 -22.44 4.10 -12.25
C LEU B 28 -23.20 5.30 -11.75
N ALA B 29 -24.28 5.05 -11.02
CA ALA B 29 -25.00 6.10 -10.31
C ALA B 29 -24.09 6.56 -9.15
N GLN B 30 -24.38 7.75 -8.57
CA GLN B 30 -23.65 8.25 -7.42
C GLN B 30 -23.75 7.25 -6.28
N MET B 31 -22.68 7.11 -5.47
CA MET B 31 -22.72 6.18 -4.31
C MET B 31 -23.07 4.75 -4.72
N SER B 32 -22.40 4.28 -5.79
CA SER B 32 -22.55 2.90 -6.24
C SER B 32 -21.23 2.40 -6.77
N GLN B 33 -21.07 1.07 -6.83
CA GLN B 33 -19.87 0.44 -7.32
C GLN B 33 -20.19 -0.72 -8.29
N THR B 34 -19.17 -1.23 -8.98
CA THR B 34 -19.35 -2.42 -9.82
C THR B 34 -19.40 -3.58 -8.83
N ASP B 35 -20.29 -4.56 -9.04
CA ASP B 35 -20.45 -5.70 -8.15
C ASP B 35 -19.26 -6.62 -8.08
N THR B 36 -18.40 -6.62 -9.11
CA THR B 36 -17.20 -7.46 -9.12
C THR B 36 -15.97 -6.64 -9.53
N PHE B 37 -14.79 -7.29 -9.41
CA PHE B 37 -13.53 -6.78 -9.90
C PHE B 37 -13.50 -7.28 -11.32
N MET B 38 -13.30 -6.38 -12.27
CA MET B 38 -13.17 -6.78 -13.67
C MET B 38 -11.68 -7.11 -13.87
N THR B 39 -11.38 -8.15 -14.65
CA THR B 39 -10.02 -8.61 -14.89
C THR B 39 -9.55 -8.25 -16.31
N PHE B 40 -8.30 -7.78 -16.44
CA PHE B 40 -7.71 -7.38 -17.71
C PHE B 40 -6.28 -7.83 -17.78
N ASP B 41 -5.79 -8.09 -19.02
CA ASP B 41 -4.37 -8.37 -19.27
C ASP B 41 -3.78 -6.98 -19.37
N ILE B 42 -2.69 -6.71 -18.60
CA ILE B 42 -2.01 -5.40 -18.52
C ILE B 42 -1.72 -4.80 -19.91
N ASP B 43 -1.25 -5.63 -20.87
CA ASP B 43 -0.92 -5.22 -22.25
C ASP B 43 -2.15 -4.75 -23.03
N LYS B 44 -3.35 -5.25 -22.66
CA LYS B 44 -4.64 -4.95 -23.29
C LYS B 44 -5.35 -3.77 -22.62
N LEU B 45 -4.80 -3.26 -21.51
CA LEU B 45 -5.34 -2.12 -20.78
C LEU B 45 -4.64 -0.88 -21.33
N THR B 46 -4.93 -0.60 -22.61
CA THR B 46 -4.37 0.47 -23.44
C THR B 46 -4.64 1.86 -22.85
N SER B 47 -5.91 2.14 -22.51
CA SER B 47 -6.36 3.40 -21.93
C SER B 47 -7.69 3.20 -21.21
N ILE B 48 -7.99 4.11 -20.26
CA ILE B 48 -9.24 4.11 -19.49
C ILE B 48 -9.71 5.55 -19.46
N ASN B 49 -10.93 5.81 -19.95
CA ASN B 49 -11.51 7.16 -19.99
C ASN B 49 -12.63 7.25 -19.00
N ILE B 50 -12.75 8.41 -18.33
CA ILE B 50 -13.72 8.72 -17.27
C ILE B 50 -14.49 9.95 -17.66
N SER B 51 -15.84 9.87 -17.66
CA SER B 51 -16.70 10.99 -18.03
C SER B 51 -17.88 11.10 -17.07
N SER B 52 -18.50 12.29 -17.03
CA SER B 52 -19.65 12.62 -16.21
C SER B 52 -20.81 13.05 -17.08
N SER B 53 -22.04 12.76 -16.60
CA SER B 53 -23.29 13.17 -17.24
C SER B 53 -23.34 14.71 -17.30
N GLY B 54 -23.70 15.23 -18.47
CA GLY B 54 -23.79 16.68 -18.73
C GLY B 54 -22.45 17.33 -19.02
N SER B 55 -21.47 17.11 -18.12
CA SER B 55 -20.10 17.66 -18.20
C SER B 55 -19.33 17.07 -19.41
N PRO B 56 -18.94 17.92 -20.40
CA PRO B 56 -18.24 17.39 -21.60
C PRO B 56 -16.82 16.85 -21.35
N GLY B 57 -16.27 17.17 -20.18
CA GLY B 57 -14.94 16.74 -19.76
C GLY B 57 -14.77 15.25 -19.68
N VAL B 58 -13.78 14.74 -20.44
CA VAL B 58 -13.38 13.33 -20.50
C VAL B 58 -11.92 13.28 -20.03
N THR B 59 -11.67 12.50 -18.98
CA THR B 59 -10.36 12.34 -18.36
C THR B 59 -9.79 10.95 -18.64
N THR B 60 -8.53 10.89 -19.06
CA THR B 60 -7.83 9.62 -19.31
C THR B 60 -7.02 9.25 -18.06
N VAL B 61 -7.10 7.96 -17.68
CA VAL B 61 -6.35 7.39 -16.57
C VAL B 61 -4.92 7.12 -17.08
N ALA B 62 -4.01 8.06 -16.80
CA ALA B 62 -2.60 7.95 -17.18
C ALA B 62 -1.92 7.17 -16.05
N HIS B 63 -2.51 7.29 -14.83
CA HIS B 63 -2.09 6.64 -13.59
C HIS B 63 -2.05 5.13 -13.80
N ASP B 64 -0.94 4.50 -13.37
CA ASP B 64 -0.73 3.08 -13.57
C ASP B 64 -1.49 2.15 -12.57
N PHE B 65 -1.50 0.88 -13.00
CA PHE B 65 -2.07 -0.32 -12.44
C PHE B 65 -0.95 -1.35 -12.43
N GLU B 66 -0.83 -2.09 -11.34
CA GLU B 66 0.20 -3.11 -11.23
C GLU B 66 -0.36 -4.47 -11.54
N GLN B 67 0.36 -5.23 -12.34
CA GLN B 67 -0.08 -6.60 -12.65
C GLN B 67 0.02 -7.48 -11.40
N GLY B 68 -0.92 -8.40 -11.26
CA GLY B 68 -1.02 -9.31 -10.13
C GLY B 68 -1.70 -8.68 -8.94
N HIS B 69 -2.20 -7.43 -9.11
CA HIS B 69 -2.86 -6.68 -8.05
C HIS B 69 -4.29 -6.27 -8.35
N ARG B 70 -5.08 -6.12 -7.25
CA ARG B 70 -6.46 -5.62 -7.27
C ARG B 70 -6.42 -4.14 -7.01
N HIS B 71 -7.37 -3.42 -7.60
CA HIS B 71 -7.43 -1.96 -7.44
C HIS B 71 -8.86 -1.51 -7.33
N THR B 72 -9.09 -0.41 -6.61
CA THR B 72 -10.40 0.24 -6.59
C THR B 72 -10.16 1.57 -7.29
N LEU B 73 -10.89 1.76 -8.38
CA LEU B 73 -10.85 3.03 -9.09
C LEU B 73 -11.97 3.90 -8.47
N LEU B 74 -11.56 4.87 -7.64
CA LEU B 74 -12.52 5.81 -7.05
C LEU B 74 -12.78 6.87 -8.10
N VAL B 75 -14.07 7.18 -8.39
CA VAL B 75 -14.44 8.22 -9.35
C VAL B 75 -15.42 9.21 -8.67
N TRP B 76 -15.34 10.50 -9.04
CA TRP B 76 -16.23 11.54 -8.51
C TRP B 76 -16.31 12.69 -9.51
N ASN B 77 -17.33 13.51 -9.36
CA ASN B 77 -17.67 14.62 -10.22
C ASN B 77 -16.67 15.77 -10.09
N PRO B 78 -16.27 16.46 -11.19
CA PRO B 78 -16.69 16.27 -12.59
C PRO B 78 -16.04 15.05 -13.29
N SER B 79 -14.73 14.88 -13.25
CA SER B 79 -14.16 13.72 -13.95
C SER B 79 -12.90 13.39 -13.21
N GLN B 80 -13.08 13.18 -11.90
CA GLN B 80 -11.96 12.97 -11.02
C GLN B 80 -11.82 11.50 -10.70
N TYR B 81 -10.61 11.07 -10.39
CA TYR B 81 -10.38 9.68 -10.03
C TYR B 81 -9.18 9.54 -9.12
N ARG B 82 -9.10 8.37 -8.47
CA ARG B 82 -7.95 7.96 -7.67
C ARG B 82 -7.91 6.44 -7.74
N VAL B 83 -6.73 5.90 -8.06
CA VAL B 83 -6.52 4.45 -8.08
C VAL B 83 -6.04 4.10 -6.69
N VAL B 84 -6.75 3.19 -6.04
CA VAL B 84 -6.45 2.68 -4.70
C VAL B 84 -5.98 1.23 -4.88
N LYS B 85 -4.87 0.91 -4.26
CA LYS B 85 -4.29 -0.43 -4.25
C LYS B 85 -5.07 -1.32 -3.27
N ASP B 86 -5.56 -2.47 -3.75
CA ASP B 86 -6.36 -3.39 -2.94
C ASP B 86 -5.60 -4.70 -2.63
N GLY B 87 -4.32 -4.75 -2.92
CA GLY B 87 -3.51 -5.93 -2.62
C GLY B 87 -3.44 -6.92 -3.77
N LEU B 88 -3.02 -8.13 -3.46
CA LEU B 88 -2.82 -9.17 -4.45
C LEU B 88 -4.10 -9.78 -5.02
N ASN B 89 -4.03 -10.21 -6.28
CA ASN B 89 -5.15 -10.88 -6.96
C ASN B 89 -5.44 -12.24 -6.33
N GLN B 90 -4.40 -12.93 -5.84
CA GLN B 90 -4.51 -14.25 -5.23
C GLN B 90 -3.99 -14.26 -3.80
N LYS B 91 -4.71 -14.99 -2.92
CA LYS B 91 -4.28 -15.09 -1.52
C LYS B 91 -3.08 -16.05 -1.50
N PRO B 92 -1.95 -15.64 -0.89
CA PRO B 92 -0.79 -16.55 -0.85
C PRO B 92 -1.10 -17.85 -0.13
N GLU B 93 -0.75 -18.97 -0.77
CA GLU B 93 -0.94 -20.30 -0.22
C GLU B 93 0.01 -20.49 0.99
N LYS B 94 -0.37 -21.40 1.91
CA LYS B 94 0.46 -21.75 3.06
C LYS B 94 1.77 -22.35 2.51
N GLY B 95 2.89 -21.81 2.99
CA GLY B 95 4.21 -22.25 2.58
C GLY B 95 4.90 -21.41 1.54
N GLU B 96 4.15 -20.50 0.86
CA GLU B 96 4.74 -19.64 -0.15
C GLU B 96 5.67 -18.58 0.44
N ASN B 97 6.62 -18.10 -0.41
CA ASN B 97 7.63 -17.10 -0.07
C ASN B 97 7.27 -15.73 -0.56
N GLY B 98 7.20 -14.79 0.37
CA GLY B 98 7.01 -13.40 -0.02
C GLY B 98 8.34 -12.83 -0.41
N ILE B 99 8.43 -12.24 -1.61
CA ILE B 99 9.70 -11.66 -2.07
C ILE B 99 9.42 -10.24 -2.54
N ARG B 100 10.24 -9.29 -2.10
CA ARG B 100 10.17 -7.93 -2.61
C ARG B 100 11.55 -7.53 -3.06
N PHE B 101 11.65 -6.46 -3.84
CA PHE B 101 12.93 -5.95 -4.32
C PHE B 101 13.12 -4.49 -3.93
N VAL B 102 14.35 -4.16 -3.55
CA VAL B 102 14.76 -2.80 -3.20
C VAL B 102 15.78 -2.38 -4.25
N ASN B 103 15.52 -1.24 -4.89
CA ASN B 103 16.39 -0.71 -5.91
C ASN B 103 17.28 0.37 -5.33
N THR B 104 18.61 0.21 -5.39
CA THR B 104 19.52 1.26 -4.89
C THR B 104 20.17 2.01 -6.07
N LEU B 105 19.82 1.65 -7.32
CA LEU B 105 20.38 2.28 -8.51
C LEU B 105 19.71 3.60 -8.78
N ASN B 106 20.34 4.46 -9.62
CA ASN B 106 19.84 5.80 -9.98
C ASN B 106 18.81 5.78 -11.13
N GLU B 107 18.53 4.58 -11.66
CA GLU B 107 17.54 4.34 -12.70
C GLU B 107 16.55 3.30 -12.19
N MET B 108 15.33 3.27 -12.76
CA MET B 108 14.28 2.30 -12.43
C MET B 108 14.73 0.89 -12.81
N VAL B 109 14.18 -0.12 -12.15
CA VAL B 109 14.50 -1.52 -12.45
C VAL B 109 13.19 -2.31 -12.63
N THR B 110 13.23 -3.34 -13.46
CA THR B 110 12.11 -4.24 -13.66
C THR B 110 12.62 -5.64 -13.37
N ILE B 111 11.85 -6.38 -12.58
CA ILE B 111 12.22 -7.73 -12.20
C ILE B 111 11.13 -8.67 -12.65
N LYS B 112 11.53 -9.77 -13.31
CA LYS B 112 10.60 -10.80 -13.77
C LYS B 112 11.01 -12.10 -13.09
N MET B 113 10.09 -12.74 -12.36
CA MET B 113 10.38 -13.98 -11.64
C MET B 113 9.18 -14.89 -11.66
N SER B 114 9.38 -16.14 -12.13
CA SER B 114 8.37 -17.20 -12.20
C SER B 114 6.99 -16.70 -12.64
N GLY B 115 6.97 -15.99 -13.78
CA GLY B 115 5.75 -15.44 -14.35
C GLY B 115 5.23 -14.16 -13.72
N LYS B 116 5.83 -13.70 -12.60
CA LYS B 116 5.44 -12.47 -11.89
C LYS B 116 6.37 -11.32 -12.25
N VAL B 117 5.87 -10.08 -12.18
CA VAL B 117 6.62 -8.88 -12.57
C VAL B 117 6.56 -7.82 -11.47
N TYR B 118 7.69 -7.12 -11.28
CA TYR B 118 7.85 -5.99 -10.37
C TYR B 118 8.36 -4.93 -11.32
N GLU B 119 7.45 -4.13 -11.83
CA GLU B 119 7.75 -3.14 -12.85
C GLU B 119 8.14 -1.78 -12.30
N ASN B 120 9.22 -1.22 -12.87
CA ASN B 120 9.73 0.13 -12.60
C ASN B 120 9.87 0.46 -11.12
N VAL B 121 10.60 -0.37 -10.38
CA VAL B 121 10.86 -0.08 -8.98
C VAL B 121 11.79 1.15 -8.99
N THR B 122 11.33 2.27 -8.44
CA THR B 122 12.08 3.52 -8.46
C THR B 122 13.33 3.48 -7.55
N SER B 123 14.26 4.45 -7.75
CA SER B 123 15.51 4.61 -7.01
C SER B 123 15.29 4.72 -5.51
N HIS B 124 16.04 3.91 -4.75
CA HIS B 124 15.99 3.87 -3.30
C HIS B 124 14.55 3.65 -2.81
N ASN B 125 13.89 2.67 -3.41
CA ASN B 125 12.54 2.32 -3.11
C ASN B 125 12.34 0.82 -3.09
N ALA B 126 11.27 0.37 -2.45
CA ALA B 126 10.93 -1.04 -2.33
C ALA B 126 9.64 -1.34 -3.07
N SER B 127 9.56 -2.53 -3.67
CA SER B 127 8.35 -3.02 -4.29
C SER B 127 7.54 -3.63 -3.14
N GLY B 128 6.32 -4.05 -3.45
CA GLY B 128 5.51 -4.81 -2.52
C GLY B 128 5.98 -6.24 -2.65
N TYR B 129 5.50 -7.12 -1.79
CA TYR B 129 5.81 -8.55 -1.84
C TYR B 129 4.87 -9.28 -2.82
N GLN B 130 5.41 -10.27 -3.52
CA GLN B 130 4.68 -11.21 -4.37
C GLN B 130 5.13 -12.59 -3.87
N PHE B 131 4.24 -13.61 -3.98
CA PHE B 131 4.46 -14.93 -3.37
C PHE B 131 4.70 -16.05 -4.36
N PHE B 132 5.61 -16.95 -4.00
CA PHE B 132 6.10 -18.02 -4.86
C PHE B 132 6.21 -19.33 -4.11
N PRO B 133 6.06 -20.49 -4.80
CA PRO B 133 6.28 -21.78 -4.12
C PRO B 133 7.77 -21.93 -3.75
N SER B 134 8.09 -22.81 -2.79
CA SER B 134 9.48 -23.03 -2.33
C SER B 134 10.45 -23.50 -3.42
N GLY B 135 11.74 -23.34 -3.12
CA GLY B 135 12.83 -23.75 -4.00
C GLY B 135 13.51 -22.60 -4.70
N GLU B 136 14.63 -22.92 -5.38
CA GLU B 136 15.43 -21.97 -6.15
C GLU B 136 14.58 -21.43 -7.29
N LYS B 137 14.53 -20.10 -7.43
CA LYS B 137 13.77 -19.46 -8.50
C LYS B 137 14.73 -18.68 -9.38
N GLN B 138 14.56 -18.80 -10.69
CA GLN B 138 15.34 -18.02 -11.64
C GLN B 138 14.63 -16.69 -11.81
N TYR B 139 15.41 -15.62 -11.94
CA TYR B 139 14.86 -14.29 -12.17
C TYR B 139 15.76 -13.42 -13.03
N THR B 140 15.17 -12.40 -13.65
CA THR B 140 15.89 -11.46 -14.50
C THR B 140 15.74 -10.07 -13.93
N ILE B 141 16.75 -9.22 -14.15
CA ILE B 141 16.72 -7.82 -13.77
C ILE B 141 17.11 -7.02 -14.99
N ASN B 142 16.24 -6.13 -15.44
CA ASN B 142 16.50 -5.28 -16.59
C ASN B 142 16.43 -3.81 -16.19
N THR B 143 17.48 -3.07 -16.53
CA THR B 143 17.65 -1.65 -16.20
C THR B 143 18.59 -0.98 -17.21
N THR B 144 18.46 0.35 -17.34
CA THR B 144 19.31 1.18 -18.20
C THR B 144 20.60 1.61 -17.43
N ALA B 145 20.61 1.39 -16.10
CA ALA B 145 21.68 1.73 -15.18
C ALA B 145 23.01 1.01 -15.45
N VAL B 146 22.97 -0.17 -16.12
CA VAL B 146 24.16 -0.96 -16.45
C VAL B 146 24.31 -1.21 -17.96
N ALA B 147 25.53 -1.64 -18.37
CA ALA B 147 25.86 -1.96 -19.76
C ALA B 147 24.99 -3.14 -20.26
N PRO B 148 24.57 -3.15 -21.56
CA PRO B 148 23.72 -4.26 -22.04
C PRO B 148 24.41 -5.64 -22.02
N THR B 149 25.76 -5.63 -22.00
CA THR B 149 26.62 -6.80 -21.95
C THR B 149 26.62 -7.49 -20.58
N CYS B 150 26.22 -6.76 -19.50
N CYS B 150 26.29 -6.76 -19.49
CA CYS B 150 26.13 -7.23 -18.10
CA CYS B 150 26.30 -7.32 -18.14
C CYS B 150 25.14 -8.38 -17.97
C CYS B 150 25.17 -8.34 -17.93
N LEU B 151 25.45 -9.32 -17.06
CA LEU B 151 24.58 -10.45 -16.73
C LEU B 151 23.21 -9.96 -16.11
N THR B 152 22.08 -10.40 -16.71
CA THR B 152 20.73 -10.02 -16.26
C THR B 152 19.99 -11.18 -15.63
N ASP B 153 20.58 -12.38 -15.63
CA ASP B 153 19.97 -13.58 -15.08
C ASP B 153 20.51 -13.90 -13.72
N PHE B 154 19.62 -14.15 -12.78
CA PHE B 154 19.98 -14.42 -11.40
C PHE B 154 19.15 -15.59 -10.90
N LYS B 155 19.56 -16.12 -9.76
CA LYS B 155 18.88 -17.23 -9.11
C LYS B 155 18.72 -16.91 -7.64
N SER B 156 17.53 -17.17 -7.10
CA SER B 156 17.27 -16.99 -5.68
C SER B 156 17.95 -18.18 -4.99
N SER B 157 18.18 -18.08 -3.67
CA SER B 157 18.75 -19.22 -2.96
C SER B 157 17.66 -20.31 -2.79
N ASN B 158 18.00 -21.48 -2.24
CA ASN B 158 17.03 -22.55 -2.02
C ASN B 158 16.12 -22.10 -0.86
N LEU B 159 15.14 -21.24 -1.20
CA LEU B 159 14.21 -20.59 -0.28
C LEU B 159 13.31 -21.57 0.42
N ASP B 160 13.22 -21.40 1.75
CA ASP B 160 12.54 -22.23 2.75
C ASP B 160 11.01 -22.25 2.62
N PHE B 161 10.29 -22.59 3.70
CA PHE B 161 8.83 -22.69 3.71
C PHE B 161 8.24 -21.54 4.51
N GLY B 162 7.35 -20.77 3.88
CA GLY B 162 6.68 -19.62 4.50
C GLY B 162 7.61 -18.47 4.85
N SER B 163 8.85 -18.53 4.33
CA SER B 163 9.90 -17.54 4.56
C SER B 163 9.78 -16.36 3.62
N ALA B 164 10.04 -15.13 4.13
CA ALA B 164 9.98 -13.89 3.35
C ALA B 164 11.37 -13.35 3.11
N TYR B 165 11.59 -12.70 1.96
CA TYR B 165 12.91 -12.16 1.64
C TYR B 165 12.84 -10.81 0.95
N THR B 166 13.88 -9.99 1.12
CA THR B 166 14.05 -8.71 0.43
C THR B 166 15.37 -8.87 -0.34
N TYR B 167 15.33 -8.61 -1.65
CA TYR B 167 16.48 -8.69 -2.54
C TYR B 167 16.90 -7.26 -2.84
N VAL B 168 18.06 -6.84 -2.33
CA VAL B 168 18.55 -5.49 -2.54
C VAL B 168 19.46 -5.49 -3.77
N ILE B 169 19.11 -4.65 -4.77
CA ILE B 169 19.84 -4.54 -6.03
C ILE B 169 20.82 -3.38 -5.97
N ARG B 170 22.10 -3.67 -6.19
CA ARG B 170 23.12 -2.63 -6.18
C ARG B 170 24.15 -2.84 -7.30
N ARG B 171 24.99 -1.82 -7.54
CA ARG B 171 26.08 -1.92 -8.52
C ARG B 171 27.24 -2.72 -7.92
N ALA B 172 27.70 -3.76 -8.63
CA ALA B 172 28.83 -4.62 -8.23
C ALA B 172 30.13 -3.87 -8.52
N SER B 173 31.26 -4.29 -7.91
CA SER B 173 32.57 -3.66 -8.14
C SER B 173 32.98 -3.58 -9.63
N ASP B 174 32.57 -4.56 -10.45
CA ASP B 174 32.87 -4.61 -11.89
C ASP B 174 31.95 -3.73 -12.77
N GLY B 175 31.07 -2.95 -12.13
CA GLY B 175 30.14 -2.07 -12.82
C GLY B 175 28.81 -2.67 -13.22
N CYS B 176 28.64 -3.99 -13.02
N CYS B 176 28.66 -4.00 -13.03
CA CYS B 176 27.39 -4.67 -13.35
CA CYS B 176 27.45 -4.78 -13.34
C CYS B 176 26.46 -4.78 -12.13
C CYS B 176 26.49 -4.82 -12.12
N LEU B 177 25.50 -5.73 -12.14
CA LEU B 177 24.53 -5.91 -11.06
C LEU B 177 24.89 -6.99 -10.09
N GLU B 178 24.48 -6.78 -8.86
CA GLU B 178 24.70 -7.67 -7.72
C GLU B 178 23.42 -7.59 -6.87
N VAL B 179 23.04 -8.72 -6.27
CA VAL B 179 21.86 -8.80 -5.43
C VAL B 179 22.21 -9.39 -4.06
N LYS B 180 21.85 -8.67 -2.98
CA LYS B 180 22.04 -9.14 -1.62
C LYS B 180 20.67 -9.56 -1.08
N GLU B 181 20.58 -10.79 -0.56
CA GLU B 181 19.34 -11.35 -0.01
C GLU B 181 19.25 -11.14 1.49
N PHE B 182 18.07 -10.74 1.96
CA PHE B 182 17.83 -10.56 3.39
C PHE B 182 16.61 -11.34 3.74
N GLU B 183 16.64 -12.07 4.85
CA GLU B 183 15.44 -12.77 5.25
C GLU B 183 14.62 -11.81 6.09
N ASP B 184 13.30 -11.79 5.90
CA ASP B 184 12.44 -10.91 6.69
C ASP B 184 11.49 -11.71 7.53
N ILE B 185 10.91 -11.06 8.53
CA ILE B 185 9.82 -11.54 9.34
C ILE B 185 8.67 -11.56 8.29
N PRO B 186 7.97 -12.69 8.05
CA PRO B 186 6.95 -12.69 6.99
C PRO B 186 5.85 -11.62 7.16
N PRO B 187 5.42 -10.94 6.06
CA PRO B 187 4.31 -9.96 6.18
C PRO B 187 3.00 -10.63 6.57
N ASN B 188 2.15 -9.89 7.28
CA ASN B 188 0.83 -10.36 7.73
C ASN B 188 -0.23 -10.08 6.68
N THR B 189 -0.07 -8.96 5.94
CA THR B 189 -0.98 -8.52 4.87
C THR B 189 -0.15 -7.91 3.75
C1 GOL C . 11.85 8.68 -5.90
O1 GOL C . 11.57 7.40 -6.44
C2 GOL C . 10.65 9.61 -6.02
O2 GOL C . 11.01 10.92 -5.59
C3 GOL C . 9.46 9.11 -5.21
O3 GOL C . 8.92 7.92 -5.76
C1 GOL D . -3.35 12.81 -0.17
O1 GOL D . -2.76 11.55 -0.46
C2 GOL D . -4.49 13.12 -1.11
O2 GOL D . -3.98 13.37 -2.42
C3 GOL D . -5.32 14.31 -0.64
O3 GOL D . -6.61 14.32 -1.24
C1 GOL E . -2.75 -2.81 4.99
O1 GOL E . -3.86 -3.70 5.10
C2 GOL E . -3.24 -1.38 4.99
O2 GOL E . -4.10 -1.17 6.13
C3 GOL E . -2.11 -0.35 4.95
O3 GOL E . -2.56 0.99 5.17
#